data_1SOL
# 
_entry.id   1SOL 
# 
_audit_conform.dict_name       mmcif_pdbx.dic 
_audit_conform.dict_version    5.392 
_audit_conform.dict_location   http://mmcif.pdb.org/dictionaries/ascii/mmcif_pdbx.dic 
# 
loop_
_database_2.database_id 
_database_2.database_code 
_database_2.pdbx_database_accession 
_database_2.pdbx_DOI 
PDB   1SOL         pdb_00001sol 10.2210/pdb1sol/pdb 
WWPDB D_1000176450 ?            ?                   
# 
loop_
_pdbx_audit_revision_history.ordinal 
_pdbx_audit_revision_history.data_content_type 
_pdbx_audit_revision_history.major_revision 
_pdbx_audit_revision_history.minor_revision 
_pdbx_audit_revision_history.revision_date 
1 'Structure model' 1 0 1996-03-08 
2 'Structure model' 1 1 2008-03-24 
3 'Structure model' 1 2 2011-07-13 
4 'Structure model' 1 3 2022-03-02 
5 'Structure model' 1 4 2024-05-22 
# 
_pdbx_audit_revision_details.ordinal             1 
_pdbx_audit_revision_details.revision_ordinal    1 
_pdbx_audit_revision_details.data_content_type   'Structure model' 
_pdbx_audit_revision_details.provider            repository 
_pdbx_audit_revision_details.type                'Initial release' 
_pdbx_audit_revision_details.description         ? 
_pdbx_audit_revision_details.details             ? 
# 
loop_
_pdbx_audit_revision_group.ordinal 
_pdbx_audit_revision_group.revision_ordinal 
_pdbx_audit_revision_group.data_content_type 
_pdbx_audit_revision_group.group 
1 2 'Structure model' 'Version format compliance' 
2 3 'Structure model' 'Version format compliance' 
3 4 'Structure model' 'Database references'       
4 4 'Structure model' 'Derived calculations'      
5 4 'Structure model' Other                       
6 5 'Structure model' 'Data collection'           
# 
loop_
_pdbx_audit_revision_category.ordinal 
_pdbx_audit_revision_category.revision_ordinal 
_pdbx_audit_revision_category.data_content_type 
_pdbx_audit_revision_category.category 
1 4 'Structure model' database_2            
2 4 'Structure model' pdbx_database_status  
3 4 'Structure model' pdbx_struct_assembly  
4 4 'Structure model' pdbx_struct_oper_list 
5 5 'Structure model' chem_comp_atom        
6 5 'Structure model' chem_comp_bond        
# 
loop_
_pdbx_audit_revision_item.ordinal 
_pdbx_audit_revision_item.revision_ordinal 
_pdbx_audit_revision_item.data_content_type 
_pdbx_audit_revision_item.item 
1 4 'Structure model' '_database_2.pdbx_DOI'                
2 4 'Structure model' '_database_2.pdbx_database_accession' 
3 4 'Structure model' '_pdbx_database_status.process_site'  
# 
_pdbx_database_status.status_code                     REL 
_pdbx_database_status.entry_id                        1SOL 
_pdbx_database_status.recvd_initial_deposition_date   1995-09-29 
_pdbx_database_status.deposit_site                    ? 
_pdbx_database_status.process_site                    BNL 
_pdbx_database_status.SG_entry                        . 
_pdbx_database_status.pdb_format_compatible           Y 
_pdbx_database_status.status_code_mr                  ? 
_pdbx_database_status.status_code_sf                  ? 
_pdbx_database_status.status_code_cs                  ? 
_pdbx_database_status.status_code_nmr_data            ? 
_pdbx_database_status.methods_development_category    ? 
# 
loop_
_audit_author.name 
_audit_author.pdbx_ordinal 
'Xian, W.'       1 
'Vegners, R.'    2 
'Janmey, P.A.'   3 
'Braunlin, W.H.' 4 
# 
loop_
_citation.id 
_citation.title 
_citation.journal_abbrev 
_citation.journal_volume 
_citation.page_first 
_citation.page_last 
_citation.year 
_citation.journal_id_ASTM 
_citation.country 
_citation.journal_id_ISSN 
_citation.journal_id_CSD 
_citation.book_publisher 
_citation.pdbx_database_id_PubMed 
_citation.pdbx_database_id_DOI 
primary 
;Spectroscopic studies of a phosphoinositide-binding peptide from gelsolin: behavior in solutions of mixed solvent and anionic micelles.
;
Biophys.J.   69  2695  2702 1995 BIOJAU US 0006-3495 0030 ? 8599675 ? 
1       'Phosphoinositide-Binding Peptides Derived from the Sequences of Gelsolin and Villin' J.Biol.Chem. 267 11818 ?    1992 
JBCHA3 US 0021-9258 0071 ? ?       ? 
# 
loop_
_citation_author.citation_id 
_citation_author.name 
_citation_author.ordinal 
_citation_author.identifier_ORCID 
primary 'Xian, W.'         1 ? 
primary 'Vegners, R.'      2 ? 
primary 'Janmey, P.A.'     3 ? 
primary 'Braunlin, W.H.'   4 ? 
1       'Janmey, P.A.'     5 ? 
1       'Lamb, J.'         6 ? 
1       'Allen, P.G.'      7 ? 
1       'Matsudaira, P.T.' 8 ? 
# 
_entity.id                         1 
_entity.type                       polymer 
_entity.src_method                 nat 
_entity.pdbx_description           'GELSOLIN (150-169)' 
_entity.formula_weight             2394.860 
_entity.pdbx_number_of_molecules   1 
_entity.pdbx_ec                    ? 
_entity.pdbx_mutation              ? 
_entity.pdbx_fragment              ? 
_entity.details                    ? 
# 
_entity_poly.entity_id                      1 
_entity_poly.type                           'polypeptide(L)' 
_entity_poly.nstd_linkage                   no 
_entity_poly.nstd_monomer                   no 
_entity_poly.pdbx_seq_one_letter_code       KHVVPNEVVVQRLFQVKGRR 
_entity_poly.pdbx_seq_one_letter_code_can   KHVVPNEVVVQRLFQVKGRR 
_entity_poly.pdbx_strand_id                 A 
_entity_poly.pdbx_target_identifier         ? 
# 
loop_
_entity_poly_seq.entity_id 
_entity_poly_seq.num 
_entity_poly_seq.mon_id 
_entity_poly_seq.hetero 
1 1  LYS n 
1 2  HIS n 
1 3  VAL n 
1 4  VAL n 
1 5  PRO n 
1 6  ASN n 
1 7  GLU n 
1 8  VAL n 
1 9  VAL n 
1 10 VAL n 
1 11 GLN n 
1 12 ARG n 
1 13 LEU n 
1 14 PHE n 
1 15 GLN n 
1 16 VAL n 
1 17 LYS n 
1 18 GLY n 
1 19 ARG n 
1 20 ARG n 
# 
loop_
_chem_comp.id 
_chem_comp.type 
_chem_comp.mon_nstd_flag 
_chem_comp.name 
_chem_comp.pdbx_synonyms 
_chem_comp.formula 
_chem_comp.formula_weight 
ARG 'L-peptide linking' y ARGININE        ? 'C6 H15 N4 O2 1' 175.209 
ASN 'L-peptide linking' y ASPARAGINE      ? 'C4 H8 N2 O3'    132.118 
GLN 'L-peptide linking' y GLUTAMINE       ? 'C5 H10 N2 O3'   146.144 
GLU 'L-peptide linking' y 'GLUTAMIC ACID' ? 'C5 H9 N O4'     147.129 
GLY 'peptide linking'   y GLYCINE         ? 'C2 H5 N O2'     75.067  
HIS 'L-peptide linking' y HISTIDINE       ? 'C6 H10 N3 O2 1' 156.162 
LEU 'L-peptide linking' y LEUCINE         ? 'C6 H13 N O2'    131.173 
LYS 'L-peptide linking' y LYSINE          ? 'C6 H15 N2 O2 1' 147.195 
PHE 'L-peptide linking' y PHENYLALANINE   ? 'C9 H11 N O2'    165.189 
PRO 'L-peptide linking' y PROLINE         ? 'C5 H9 N O2'     115.130 
VAL 'L-peptide linking' y VALINE          ? 'C5 H11 N O2'    117.146 
# 
loop_
_pdbx_poly_seq_scheme.asym_id 
_pdbx_poly_seq_scheme.entity_id 
_pdbx_poly_seq_scheme.seq_id 
_pdbx_poly_seq_scheme.mon_id 
_pdbx_poly_seq_scheme.ndb_seq_num 
_pdbx_poly_seq_scheme.pdb_seq_num 
_pdbx_poly_seq_scheme.auth_seq_num 
_pdbx_poly_seq_scheme.pdb_mon_id 
_pdbx_poly_seq_scheme.auth_mon_id 
_pdbx_poly_seq_scheme.pdb_strand_id 
_pdbx_poly_seq_scheme.pdb_ins_code 
_pdbx_poly_seq_scheme.hetero 
A 1 1  LYS 1  1  1  LYS LYS A . n 
A 1 2  HIS 2  2  2  HIS HIS A . n 
A 1 3  VAL 3  3  3  VAL VAL A . n 
A 1 4  VAL 4  4  4  VAL VAL A . n 
A 1 5  PRO 5  5  5  PRO PRO A . n 
A 1 6  ASN 6  6  6  ASN ASN A . n 
A 1 7  GLU 7  7  7  GLU GLU A . n 
A 1 8  VAL 8  8  8  VAL VAL A . n 
A 1 9  VAL 9  9  9  VAL VAL A . n 
A 1 10 VAL 10 10 10 VAL VAL A . n 
A 1 11 GLN 11 11 11 GLN GLN A . n 
A 1 12 ARG 12 12 12 ARG ARG A . n 
A 1 13 LEU 13 13 13 LEU LEU A . n 
A 1 14 PHE 14 14 14 PHE PHE A . n 
A 1 15 GLN 15 15 15 GLN GLN A . n 
A 1 16 VAL 16 16 16 VAL VAL A . n 
A 1 17 LYS 17 17 17 LYS LYS A . n 
A 1 18 GLY 18 18 18 GLY GLY A . n 
A 1 19 ARG 19 19 19 ARG ARG A . n 
A 1 20 ARG 20 20 20 ARG ARG A . n 
# 
_cell.entry_id           1SOL 
_cell.length_a           1.000 
_cell.length_b           1.000 
_cell.length_c           1.000 
_cell.angle_alpha        90.00 
_cell.angle_beta         90.00 
_cell.angle_gamma        90.00 
_cell.Z_PDB              1 
_cell.pdbx_unique_axis   ? 
# 
_symmetry.entry_id                         1SOL 
_symmetry.space_group_name_H-M             'P 1' 
_symmetry.pdbx_full_space_group_name_H-M   ? 
_symmetry.cell_setting                     ? 
_symmetry.Int_Tables_number                1 
# 
_exptl.entry_id          1SOL 
_exptl.method            'SOLUTION NMR' 
_exptl.crystals_number   ? 
# 
_struct.entry_id                  1SOL 
_struct.title                     'A PIP2 AND F-ACTIN-BINDING SITE OF GELSOLIN, RESIDUE 150-169 (NMR, AVERAGED STRUCTURE)' 
_struct.pdbx_model_details        ? 
_struct.pdbx_CASP_flag            ? 
_struct.pdbx_model_type_details   ? 
# 
_struct_keywords.entry_id        1SOL 
_struct_keywords.pdbx_keywords   'ACTIN-BINDING PROTEIN' 
_struct_keywords.text            'ACTIN-BINDING PROTEIN' 
# 
_struct_asym.id                            A 
_struct_asym.pdbx_blank_PDB_chainid_flag   Y 
_struct_asym.pdbx_modified                 N 
_struct_asym.entity_id                     1 
_struct_asym.details                       ? 
# 
_struct_ref.id                         1 
_struct_ref.db_name                    UNP 
_struct_ref.db_code                    GELS_HUMAN 
_struct_ref.entity_id                  1 
_struct_ref.pdbx_db_accession          P06396 
_struct_ref.pdbx_align_begin           1 
_struct_ref.pdbx_seq_one_letter_code   
;MAPHRPAPALLCALSLALCALSLPVRAATASRGASQAGAPQGRVPEARPNSMVVEHPEFLKAGKEPGLQIWRVEKFDLVP
VPTNLYGDFFTGDAYVILKTVQLRNGNLQYDLHYWLGNECSQDESGAAAIFTVQLDDYLNGRAVQHREVQGFESATFLGY
FKSGLKYKKGGVASGFKHVVPNEVVVQRLFQVKGRRVVRATEVPVSWESFNNGDCFILDLGNNIHQWCGSNSNRYERLKA
TQVSKGIRDNERSGRARVHVSEEGTEPEAMLQVLGPKPALPAGTEDTAKEDAANRKLAKLYKVSNGAGTMSVSLVADENP
FAQGALKSEDCFILDHGKDGKIFVWKGKQANTEERKAALKTASDFITKMDYPKQTQVSVLPEGGETPLFKQFFKNWRDPD
QTDGLGLSYLSSHIANVERVPFDAATLHTSTAMAAQHGMDDDGTGQKQIWRIEGSNKVPVDPATYGQFYGGDSYIILYNY
RHGGRQGQIIYNWQGAQSTQDEVAASAILTAQLDEELGGTPVQSRVVQGKEPAHLMSLFGGKPMIIYKGGTSREGGQTAP
ASTRLFQVRANSAGATRAVEVLPKAGALNSNDAFVLKTPSAAYLWVGTGASEAEKTGAQELLRVLRAQPVQVAEGSEPDG
FWEALGGKAAYRTSPRLKDKKMDAHPPRLFACSNKIGRFVIEEVPGELMQEDLATDDVMLLDTWDQVFVWVGKDSQEEEK
TEALTSAKRYIETDPANRDRRTPITVVKQGFEPPSFVGWFLGWDDDYWSVDPLDRAMAELAA
;
_struct_ref.pdbx_db_isoform            ? 
# 
_struct_ref_seq.align_id                      1 
_struct_ref_seq.ref_id                        1 
_struct_ref_seq.pdbx_PDB_id_code              1SOL 
_struct_ref_seq.pdbx_strand_id                A 
_struct_ref_seq.seq_align_beg                 1 
_struct_ref_seq.pdbx_seq_align_beg_ins_code   ? 
_struct_ref_seq.seq_align_end                 20 
_struct_ref_seq.pdbx_seq_align_end_ins_code   ? 
_struct_ref_seq.pdbx_db_accession             P06396 
_struct_ref_seq.db_align_beg                  177 
_struct_ref_seq.pdbx_db_align_beg_ins_code    ? 
_struct_ref_seq.db_align_end                  196 
_struct_ref_seq.pdbx_db_align_end_ins_code    ? 
_struct_ref_seq.pdbx_auth_seq_align_beg       1 
_struct_ref_seq.pdbx_auth_seq_align_end       20 
# 
_pdbx_struct_assembly.id                   1 
_pdbx_struct_assembly.details              author_defined_assembly 
_pdbx_struct_assembly.method_details       ? 
_pdbx_struct_assembly.oligomeric_details   monomeric 
_pdbx_struct_assembly.oligomeric_count     1 
# 
_pdbx_struct_assembly_gen.assembly_id       1 
_pdbx_struct_assembly_gen.oper_expression   1 
_pdbx_struct_assembly_gen.asym_id_list      A 
# 
_pdbx_struct_oper_list.id                   1 
_pdbx_struct_oper_list.type                 'identity operation' 
_pdbx_struct_oper_list.name                 1_555 
_pdbx_struct_oper_list.symmetry_operation   x,y,z 
_pdbx_struct_oper_list.matrix[1][1]         1.0000000000 
_pdbx_struct_oper_list.matrix[1][2]         0.0000000000 
_pdbx_struct_oper_list.matrix[1][3]         0.0000000000 
_pdbx_struct_oper_list.vector[1]            0.0000000000 
_pdbx_struct_oper_list.matrix[2][1]         0.0000000000 
_pdbx_struct_oper_list.matrix[2][2]         1.0000000000 
_pdbx_struct_oper_list.matrix[2][3]         0.0000000000 
_pdbx_struct_oper_list.vector[2]            0.0000000000 
_pdbx_struct_oper_list.matrix[3][1]         0.0000000000 
_pdbx_struct_oper_list.matrix[3][2]         0.0000000000 
_pdbx_struct_oper_list.matrix[3][3]         1.0000000000 
_pdbx_struct_oper_list.vector[3]            0.0000000000 
# 
_struct_biol.id   1 
# 
_struct_conf.conf_type_id            HELX_P 
_struct_conf.id                      HELX_P1 
_struct_conf.pdbx_PDB_helix_id       H1 
_struct_conf.beg_label_comp_id       PRO 
_struct_conf.beg_label_asym_id       A 
_struct_conf.beg_label_seq_id        5 
_struct_conf.pdbx_beg_PDB_ins_code   ? 
_struct_conf.end_label_comp_id       LYS 
_struct_conf.end_label_asym_id       A 
_struct_conf.end_label_seq_id        17 
_struct_conf.pdbx_end_PDB_ins_code   ? 
_struct_conf.beg_auth_comp_id        PRO 
_struct_conf.beg_auth_asym_id        A 
_struct_conf.beg_auth_seq_id         5 
_struct_conf.end_auth_comp_id        LYS 
_struct_conf.end_auth_asym_id        A 
_struct_conf.end_auth_seq_id         17 
_struct_conf.pdbx_PDB_helix_class    1 
_struct_conf.details                 ? 
_struct_conf.pdbx_PDB_helix_length   13 
# 
_struct_conf_type.id          HELX_P 
_struct_conf_type.criteria    ? 
_struct_conf_type.reference   ? 
# 
_pdbx_validate_rmsd_bond.id                        1 
_pdbx_validate_rmsd_bond.PDB_model_num             1 
_pdbx_validate_rmsd_bond.auth_atom_id_1            C 
_pdbx_validate_rmsd_bond.auth_asym_id_1            A 
_pdbx_validate_rmsd_bond.auth_comp_id_1            ARG 
_pdbx_validate_rmsd_bond.auth_seq_id_1             20 
_pdbx_validate_rmsd_bond.PDB_ins_code_1            ? 
_pdbx_validate_rmsd_bond.label_alt_id_1            ? 
_pdbx_validate_rmsd_bond.auth_atom_id_2            OXT 
_pdbx_validate_rmsd_bond.auth_asym_id_2            A 
_pdbx_validate_rmsd_bond.auth_comp_id_2            ARG 
_pdbx_validate_rmsd_bond.auth_seq_id_2             20 
_pdbx_validate_rmsd_bond.PDB_ins_code_2            ? 
_pdbx_validate_rmsd_bond.label_alt_id_2            ? 
_pdbx_validate_rmsd_bond.bond_value                1.351 
_pdbx_validate_rmsd_bond.bond_target_value         1.229 
_pdbx_validate_rmsd_bond.bond_deviation            0.122 
_pdbx_validate_rmsd_bond.bond_standard_deviation   0.019 
_pdbx_validate_rmsd_bond.linker_flag               N 
# 
loop_
_pdbx_validate_rmsd_angle.id 
_pdbx_validate_rmsd_angle.PDB_model_num 
_pdbx_validate_rmsd_angle.auth_atom_id_1 
_pdbx_validate_rmsd_angle.auth_asym_id_1 
_pdbx_validate_rmsd_angle.auth_comp_id_1 
_pdbx_validate_rmsd_angle.auth_seq_id_1 
_pdbx_validate_rmsd_angle.PDB_ins_code_1 
_pdbx_validate_rmsd_angle.label_alt_id_1 
_pdbx_validate_rmsd_angle.auth_atom_id_2 
_pdbx_validate_rmsd_angle.auth_asym_id_2 
_pdbx_validate_rmsd_angle.auth_comp_id_2 
_pdbx_validate_rmsd_angle.auth_seq_id_2 
_pdbx_validate_rmsd_angle.PDB_ins_code_2 
_pdbx_validate_rmsd_angle.label_alt_id_2 
_pdbx_validate_rmsd_angle.auth_atom_id_3 
_pdbx_validate_rmsd_angle.auth_asym_id_3 
_pdbx_validate_rmsd_angle.auth_comp_id_3 
_pdbx_validate_rmsd_angle.auth_seq_id_3 
_pdbx_validate_rmsd_angle.PDB_ins_code_3 
_pdbx_validate_rmsd_angle.label_alt_id_3 
_pdbx_validate_rmsd_angle.angle_value 
_pdbx_validate_rmsd_angle.angle_target_value 
_pdbx_validate_rmsd_angle.angle_deviation 
_pdbx_validate_rmsd_angle.angle_standard_deviation 
_pdbx_validate_rmsd_angle.linker_flag 
1 1 NH1 A ARG 12 ? ? CZ A ARG 12 ? ? NH2 A ARG 12 ? ? 110.68 119.40 -8.72 1.10 N 
2 1 NE  A ARG 12 ? ? CZ A ARG 12 ? ? NH1 A ARG 12 ? ? 131.45 120.30 11.15 0.50 N 
3 1 NE  A ARG 19 ? ? CZ A ARG 19 ? ? NH1 A ARG 19 ? ? 124.57 120.30 4.27  0.50 N 
4 1 NE  A ARG 20 ? ? CZ A ARG 20 ? ? NH1 A ARG 20 ? ? 124.06 120.30 3.76  0.50 N 
5 1 NE  A ARG 20 ? ? CZ A ARG 20 ? ? NH2 A ARG 20 ? ? 117.29 120.30 -3.01 0.50 N 
# 
loop_
_pdbx_validate_torsion.id 
_pdbx_validate_torsion.PDB_model_num 
_pdbx_validate_torsion.auth_comp_id 
_pdbx_validate_torsion.auth_asym_id 
_pdbx_validate_torsion.auth_seq_id 
_pdbx_validate_torsion.PDB_ins_code 
_pdbx_validate_torsion.label_alt_id 
_pdbx_validate_torsion.phi 
_pdbx_validate_torsion.psi 
1 1 HIS A 2  ? ? 65.29   147.48 
2 1 VAL A 4  ? ? -88.08  -71.94 
3 1 ASN A 6  ? ? 46.87   72.97  
4 1 VAL A 9  ? ? -153.50 -61.60 
5 1 ARG A 19 ? ? -163.58 112.80 
# 
_pdbx_nmr_ensemble.entry_id                             1SOL 
_pdbx_nmr_ensemble.conformers_calculated_total_number   ? 
_pdbx_nmr_ensemble.conformers_submitted_total_number    1 
_pdbx_nmr_ensemble.conformer_selection_criteria         ? 
# 
_pdbx_nmr_software.classification   refinement 
_pdbx_nmr_software.name             SYBYL 
_pdbx_nmr_software.version          6.0 
_pdbx_nmr_software.authors          'TRIPOS ASSOCIATES' 
_pdbx_nmr_software.ordinal          1 
# 
loop_
_chem_comp_atom.comp_id 
_chem_comp_atom.atom_id 
_chem_comp_atom.type_symbol 
_chem_comp_atom.pdbx_aromatic_flag 
_chem_comp_atom.pdbx_stereo_config 
_chem_comp_atom.pdbx_ordinal 
ARG N    N N N 1   
ARG CA   C N S 2   
ARG C    C N N 3   
ARG O    O N N 4   
ARG CB   C N N 5   
ARG CG   C N N 6   
ARG CD   C N N 7   
ARG NE   N N N 8   
ARG CZ   C N N 9   
ARG NH1  N N N 10  
ARG NH2  N N N 11  
ARG OXT  O N N 12  
ARG H    H N N 13  
ARG H2   H N N 14  
ARG HA   H N N 15  
ARG HB2  H N N 16  
ARG HB3  H N N 17  
ARG HG2  H N N 18  
ARG HG3  H N N 19  
ARG HD2  H N N 20  
ARG HD3  H N N 21  
ARG HE   H N N 22  
ARG HH11 H N N 23  
ARG HH12 H N N 24  
ARG HH21 H N N 25  
ARG HH22 H N N 26  
ARG HXT  H N N 27  
ASN N    N N N 28  
ASN CA   C N S 29  
ASN C    C N N 30  
ASN O    O N N 31  
ASN CB   C N N 32  
ASN CG   C N N 33  
ASN OD1  O N N 34  
ASN ND2  N N N 35  
ASN OXT  O N N 36  
ASN H    H N N 37  
ASN H2   H N N 38  
ASN HA   H N N 39  
ASN HB2  H N N 40  
ASN HB3  H N N 41  
ASN HD21 H N N 42  
ASN HD22 H N N 43  
ASN HXT  H N N 44  
GLN N    N N N 45  
GLN CA   C N S 46  
GLN C    C N N 47  
GLN O    O N N 48  
GLN CB   C N N 49  
GLN CG   C N N 50  
GLN CD   C N N 51  
GLN OE1  O N N 52  
GLN NE2  N N N 53  
GLN OXT  O N N 54  
GLN H    H N N 55  
GLN H2   H N N 56  
GLN HA   H N N 57  
GLN HB2  H N N 58  
GLN HB3  H N N 59  
GLN HG2  H N N 60  
GLN HG3  H N N 61  
GLN HE21 H N N 62  
GLN HE22 H N N 63  
GLN HXT  H N N 64  
GLU N    N N N 65  
GLU CA   C N S 66  
GLU C    C N N 67  
GLU O    O N N 68  
GLU CB   C N N 69  
GLU CG   C N N 70  
GLU CD   C N N 71  
GLU OE1  O N N 72  
GLU OE2  O N N 73  
GLU OXT  O N N 74  
GLU H    H N N 75  
GLU H2   H N N 76  
GLU HA   H N N 77  
GLU HB2  H N N 78  
GLU HB3  H N N 79  
GLU HG2  H N N 80  
GLU HG3  H N N 81  
GLU HE2  H N N 82  
GLU HXT  H N N 83  
GLY N    N N N 84  
GLY CA   C N N 85  
GLY C    C N N 86  
GLY O    O N N 87  
GLY OXT  O N N 88  
GLY H    H N N 89  
GLY H2   H N N 90  
GLY HA2  H N N 91  
GLY HA3  H N N 92  
GLY HXT  H N N 93  
HIS N    N N N 94  
HIS CA   C N S 95  
HIS C    C N N 96  
HIS O    O N N 97  
HIS CB   C N N 98  
HIS CG   C Y N 99  
HIS ND1  N Y N 100 
HIS CD2  C Y N 101 
HIS CE1  C Y N 102 
HIS NE2  N Y N 103 
HIS OXT  O N N 104 
HIS H    H N N 105 
HIS H2   H N N 106 
HIS HA   H N N 107 
HIS HB2  H N N 108 
HIS HB3  H N N 109 
HIS HD1  H N N 110 
HIS HD2  H N N 111 
HIS HE1  H N N 112 
HIS HE2  H N N 113 
HIS HXT  H N N 114 
LEU N    N N N 115 
LEU CA   C N S 116 
LEU C    C N N 117 
LEU O    O N N 118 
LEU CB   C N N 119 
LEU CG   C N N 120 
LEU CD1  C N N 121 
LEU CD2  C N N 122 
LEU OXT  O N N 123 
LEU H    H N N 124 
LEU H2   H N N 125 
LEU HA   H N N 126 
LEU HB2  H N N 127 
LEU HB3  H N N 128 
LEU HG   H N N 129 
LEU HD11 H N N 130 
LEU HD12 H N N 131 
LEU HD13 H N N 132 
LEU HD21 H N N 133 
LEU HD22 H N N 134 
LEU HD23 H N N 135 
LEU HXT  H N N 136 
LYS N    N N N 137 
LYS CA   C N S 138 
LYS C    C N N 139 
LYS O    O N N 140 
LYS CB   C N N 141 
LYS CG   C N N 142 
LYS CD   C N N 143 
LYS CE   C N N 144 
LYS NZ   N N N 145 
LYS OXT  O N N 146 
LYS H    H N N 147 
LYS H2   H N N 148 
LYS HA   H N N 149 
LYS HB2  H N N 150 
LYS HB3  H N N 151 
LYS HG2  H N N 152 
LYS HG3  H N N 153 
LYS HD2  H N N 154 
LYS HD3  H N N 155 
LYS HE2  H N N 156 
LYS HE3  H N N 157 
LYS HZ1  H N N 158 
LYS HZ2  H N N 159 
LYS HZ3  H N N 160 
LYS HXT  H N N 161 
PHE N    N N N 162 
PHE CA   C N S 163 
PHE C    C N N 164 
PHE O    O N N 165 
PHE CB   C N N 166 
PHE CG   C Y N 167 
PHE CD1  C Y N 168 
PHE CD2  C Y N 169 
PHE CE1  C Y N 170 
PHE CE2  C Y N 171 
PHE CZ   C Y N 172 
PHE OXT  O N N 173 
PHE H    H N N 174 
PHE H2   H N N 175 
PHE HA   H N N 176 
PHE HB2  H N N 177 
PHE HB3  H N N 178 
PHE HD1  H N N 179 
PHE HD2  H N N 180 
PHE HE1  H N N 181 
PHE HE2  H N N 182 
PHE HZ   H N N 183 
PHE HXT  H N N 184 
PRO N    N N N 185 
PRO CA   C N S 186 
PRO C    C N N 187 
PRO O    O N N 188 
PRO CB   C N N 189 
PRO CG   C N N 190 
PRO CD   C N N 191 
PRO OXT  O N N 192 
PRO H    H N N 193 
PRO HA   H N N 194 
PRO HB2  H N N 195 
PRO HB3  H N N 196 
PRO HG2  H N N 197 
PRO HG3  H N N 198 
PRO HD2  H N N 199 
PRO HD3  H N N 200 
PRO HXT  H N N 201 
VAL N    N N N 202 
VAL CA   C N S 203 
VAL C    C N N 204 
VAL O    O N N 205 
VAL CB   C N N 206 
VAL CG1  C N N 207 
VAL CG2  C N N 208 
VAL OXT  O N N 209 
VAL H    H N N 210 
VAL H2   H N N 211 
VAL HA   H N N 212 
VAL HB   H N N 213 
VAL HG11 H N N 214 
VAL HG12 H N N 215 
VAL HG13 H N N 216 
VAL HG21 H N N 217 
VAL HG22 H N N 218 
VAL HG23 H N N 219 
VAL HXT  H N N 220 
# 
loop_
_chem_comp_bond.comp_id 
_chem_comp_bond.atom_id_1 
_chem_comp_bond.atom_id_2 
_chem_comp_bond.value_order 
_chem_comp_bond.pdbx_aromatic_flag 
_chem_comp_bond.pdbx_stereo_config 
_chem_comp_bond.pdbx_ordinal 
ARG N   CA   sing N N 1   
ARG N   H    sing N N 2   
ARG N   H2   sing N N 3   
ARG CA  C    sing N N 4   
ARG CA  CB   sing N N 5   
ARG CA  HA   sing N N 6   
ARG C   O    doub N N 7   
ARG C   OXT  sing N N 8   
ARG CB  CG   sing N N 9   
ARG CB  HB2  sing N N 10  
ARG CB  HB3  sing N N 11  
ARG CG  CD   sing N N 12  
ARG CG  HG2  sing N N 13  
ARG CG  HG3  sing N N 14  
ARG CD  NE   sing N N 15  
ARG CD  HD2  sing N N 16  
ARG CD  HD3  sing N N 17  
ARG NE  CZ   sing N N 18  
ARG NE  HE   sing N N 19  
ARG CZ  NH1  sing N N 20  
ARG CZ  NH2  doub N N 21  
ARG NH1 HH11 sing N N 22  
ARG NH1 HH12 sing N N 23  
ARG NH2 HH21 sing N N 24  
ARG NH2 HH22 sing N N 25  
ARG OXT HXT  sing N N 26  
ASN N   CA   sing N N 27  
ASN N   H    sing N N 28  
ASN N   H2   sing N N 29  
ASN CA  C    sing N N 30  
ASN CA  CB   sing N N 31  
ASN CA  HA   sing N N 32  
ASN C   O    doub N N 33  
ASN C   OXT  sing N N 34  
ASN CB  CG   sing N N 35  
ASN CB  HB2  sing N N 36  
ASN CB  HB3  sing N N 37  
ASN CG  OD1  doub N N 38  
ASN CG  ND2  sing N N 39  
ASN ND2 HD21 sing N N 40  
ASN ND2 HD22 sing N N 41  
ASN OXT HXT  sing N N 42  
GLN N   CA   sing N N 43  
GLN N   H    sing N N 44  
GLN N   H2   sing N N 45  
GLN CA  C    sing N N 46  
GLN CA  CB   sing N N 47  
GLN CA  HA   sing N N 48  
GLN C   O    doub N N 49  
GLN C   OXT  sing N N 50  
GLN CB  CG   sing N N 51  
GLN CB  HB2  sing N N 52  
GLN CB  HB3  sing N N 53  
GLN CG  CD   sing N N 54  
GLN CG  HG2  sing N N 55  
GLN CG  HG3  sing N N 56  
GLN CD  OE1  doub N N 57  
GLN CD  NE2  sing N N 58  
GLN NE2 HE21 sing N N 59  
GLN NE2 HE22 sing N N 60  
GLN OXT HXT  sing N N 61  
GLU N   CA   sing N N 62  
GLU N   H    sing N N 63  
GLU N   H2   sing N N 64  
GLU CA  C    sing N N 65  
GLU CA  CB   sing N N 66  
GLU CA  HA   sing N N 67  
GLU C   O    doub N N 68  
GLU C   OXT  sing N N 69  
GLU CB  CG   sing N N 70  
GLU CB  HB2  sing N N 71  
GLU CB  HB3  sing N N 72  
GLU CG  CD   sing N N 73  
GLU CG  HG2  sing N N 74  
GLU CG  HG3  sing N N 75  
GLU CD  OE1  doub N N 76  
GLU CD  OE2  sing N N 77  
GLU OE2 HE2  sing N N 78  
GLU OXT HXT  sing N N 79  
GLY N   CA   sing N N 80  
GLY N   H    sing N N 81  
GLY N   H2   sing N N 82  
GLY CA  C    sing N N 83  
GLY CA  HA2  sing N N 84  
GLY CA  HA3  sing N N 85  
GLY C   O    doub N N 86  
GLY C   OXT  sing N N 87  
GLY OXT HXT  sing N N 88  
HIS N   CA   sing N N 89  
HIS N   H    sing N N 90  
HIS N   H2   sing N N 91  
HIS CA  C    sing N N 92  
HIS CA  CB   sing N N 93  
HIS CA  HA   sing N N 94  
HIS C   O    doub N N 95  
HIS C   OXT  sing N N 96  
HIS CB  CG   sing N N 97  
HIS CB  HB2  sing N N 98  
HIS CB  HB3  sing N N 99  
HIS CG  ND1  sing Y N 100 
HIS CG  CD2  doub Y N 101 
HIS ND1 CE1  doub Y N 102 
HIS ND1 HD1  sing N N 103 
HIS CD2 NE2  sing Y N 104 
HIS CD2 HD2  sing N N 105 
HIS CE1 NE2  sing Y N 106 
HIS CE1 HE1  sing N N 107 
HIS NE2 HE2  sing N N 108 
HIS OXT HXT  sing N N 109 
LEU N   CA   sing N N 110 
LEU N   H    sing N N 111 
LEU N   H2   sing N N 112 
LEU CA  C    sing N N 113 
LEU CA  CB   sing N N 114 
LEU CA  HA   sing N N 115 
LEU C   O    doub N N 116 
LEU C   OXT  sing N N 117 
LEU CB  CG   sing N N 118 
LEU CB  HB2  sing N N 119 
LEU CB  HB3  sing N N 120 
LEU CG  CD1  sing N N 121 
LEU CG  CD2  sing N N 122 
LEU CG  HG   sing N N 123 
LEU CD1 HD11 sing N N 124 
LEU CD1 HD12 sing N N 125 
LEU CD1 HD13 sing N N 126 
LEU CD2 HD21 sing N N 127 
LEU CD2 HD22 sing N N 128 
LEU CD2 HD23 sing N N 129 
LEU OXT HXT  sing N N 130 
LYS N   CA   sing N N 131 
LYS N   H    sing N N 132 
LYS N   H2   sing N N 133 
LYS CA  C    sing N N 134 
LYS CA  CB   sing N N 135 
LYS CA  HA   sing N N 136 
LYS C   O    doub N N 137 
LYS C   OXT  sing N N 138 
LYS CB  CG   sing N N 139 
LYS CB  HB2  sing N N 140 
LYS CB  HB3  sing N N 141 
LYS CG  CD   sing N N 142 
LYS CG  HG2  sing N N 143 
LYS CG  HG3  sing N N 144 
LYS CD  CE   sing N N 145 
LYS CD  HD2  sing N N 146 
LYS CD  HD3  sing N N 147 
LYS CE  NZ   sing N N 148 
LYS CE  HE2  sing N N 149 
LYS CE  HE3  sing N N 150 
LYS NZ  HZ1  sing N N 151 
LYS NZ  HZ2  sing N N 152 
LYS NZ  HZ3  sing N N 153 
LYS OXT HXT  sing N N 154 
PHE N   CA   sing N N 155 
PHE N   H    sing N N 156 
PHE N   H2   sing N N 157 
PHE CA  C    sing N N 158 
PHE CA  CB   sing N N 159 
PHE CA  HA   sing N N 160 
PHE C   O    doub N N 161 
PHE C   OXT  sing N N 162 
PHE CB  CG   sing N N 163 
PHE CB  HB2  sing N N 164 
PHE CB  HB3  sing N N 165 
PHE CG  CD1  doub Y N 166 
PHE CG  CD2  sing Y N 167 
PHE CD1 CE1  sing Y N 168 
PHE CD1 HD1  sing N N 169 
PHE CD2 CE2  doub Y N 170 
PHE CD2 HD2  sing N N 171 
PHE CE1 CZ   doub Y N 172 
PHE CE1 HE1  sing N N 173 
PHE CE2 CZ   sing Y N 174 
PHE CE2 HE2  sing N N 175 
PHE CZ  HZ   sing N N 176 
PHE OXT HXT  sing N N 177 
PRO N   CA   sing N N 178 
PRO N   CD   sing N N 179 
PRO N   H    sing N N 180 
PRO CA  C    sing N N 181 
PRO CA  CB   sing N N 182 
PRO CA  HA   sing N N 183 
PRO C   O    doub N N 184 
PRO C   OXT  sing N N 185 
PRO CB  CG   sing N N 186 
PRO CB  HB2  sing N N 187 
PRO CB  HB3  sing N N 188 
PRO CG  CD   sing N N 189 
PRO CG  HG2  sing N N 190 
PRO CG  HG3  sing N N 191 
PRO CD  HD2  sing N N 192 
PRO CD  HD3  sing N N 193 
PRO OXT HXT  sing N N 194 
VAL N   CA   sing N N 195 
VAL N   H    sing N N 196 
VAL N   H2   sing N N 197 
VAL CA  C    sing N N 198 
VAL CA  CB   sing N N 199 
VAL CA  HA   sing N N 200 
VAL C   O    doub N N 201 
VAL C   OXT  sing N N 202 
VAL CB  CG1  sing N N 203 
VAL CB  CG2  sing N N 204 
VAL CB  HB   sing N N 205 
VAL CG1 HG11 sing N N 206 
VAL CG1 HG12 sing N N 207 
VAL CG1 HG13 sing N N 208 
VAL CG2 HG21 sing N N 209 
VAL CG2 HG22 sing N N 210 
VAL CG2 HG23 sing N N 211 
VAL OXT HXT  sing N N 212 
# 
_atom_sites.entry_id                    1SOL 
_atom_sites.fract_transf_matrix[1][1]   1.000000 
_atom_sites.fract_transf_matrix[1][2]   0.000000 
_atom_sites.fract_transf_matrix[1][3]   0.000000 
_atom_sites.fract_transf_matrix[2][1]   0.000000 
_atom_sites.fract_transf_matrix[2][2]   1.000000 
_atom_sites.fract_transf_matrix[2][3]   0.000000 
_atom_sites.fract_transf_matrix[3][1]   0.000000 
_atom_sites.fract_transf_matrix[3][2]   0.000000 
_atom_sites.fract_transf_matrix[3][3]   1.000000 
_atom_sites.fract_transf_vector[1]      0.00000 
_atom_sites.fract_transf_vector[2]      0.00000 
_atom_sites.fract_transf_vector[3]      0.00000 
# 
loop_
_atom_type.symbol 
C 
H 
N 
O 
# 
loop_
_atom_site.group_PDB 
_atom_site.id 
_atom_site.type_symbol 
_atom_site.label_atom_id 
_atom_site.label_alt_id 
_atom_site.label_comp_id 
_atom_site.label_asym_id 
_atom_site.label_entity_id 
_atom_site.label_seq_id 
_atom_site.pdbx_PDB_ins_code 
_atom_site.Cartn_x 
_atom_site.Cartn_y 
_atom_site.Cartn_z 
_atom_site.occupancy 
_atom_site.B_iso_or_equiv 
_atom_site.pdbx_formal_charge 
_atom_site.auth_seq_id 
_atom_site.auth_comp_id 
_atom_site.auth_asym_id 
_atom_site.auth_atom_id 
_atom_site.pdbx_PDB_model_num 
ATOM 1   N N    . LYS A 1 1  ? 6.375  -6.594  0.742  1.00 0.00 ? 1  LYS A N    1 
ATOM 2   C CA   . LYS A 1 1  ? 5.484  -7.603  1.315  1.00 0.00 ? 1  LYS A CA   1 
ATOM 3   C C    . LYS A 1 1  ? 5.080  -8.484  0.158  1.00 0.00 ? 1  LYS A C    1 
ATOM 4   O O    . LYS A 1 1  ? 3.942  -8.412  -0.280 1.00 0.00 ? 1  LYS A O    1 
ATOM 5   C CB   . LYS A 1 1  ? 4.299  -6.874  2.008  1.00 0.00 ? 1  LYS A CB   1 
ATOM 6   C CG   . LYS A 1 1  ? 3.497  -7.761  3.003  1.00 0.00 ? 1  LYS A CG   1 
ATOM 7   C CD   . LYS A 1 1  ? 2.860  -9.033  2.372  1.00 0.00 ? 1  LYS A CD   1 
ATOM 8   C CE   . LYS A 1 1  ? 2.008  -9.809  3.415  1.00 0.00 ? 1  LYS A CE   1 
ATOM 9   N NZ   . LYS A 1 1  ? 1.404  -11.038 2.850  1.00 0.00 ? 1  LYS A NZ   1 
ATOM 10  H H1   . LYS A 1 1  ? 6.058  -6.030  -0.025 1.00 0.00 ? 1  LYS A H1   1 
ATOM 11  H H2   . LYS A 1 1  ? 7.294  -6.462  1.116  1.00 0.00 ? 1  LYS A H2   1 
ATOM 12  H HA   . LYS A 1 1  ? 6.023  -8.207  2.066  1.00 0.00 ? 1  LYS A HA   1 
ATOM 13  H HB2  . LYS A 1 1  ? 4.726  -6.036  2.586  1.00 0.00 ? 1  LYS A HB2  1 
ATOM 14  H HB3  . LYS A 1 1  ? 3.622  -6.446  1.253  1.00 0.00 ? 1  LYS A HB3  1 
ATOM 15  H HG2  . LYS A 1 1  ? 4.160  -8.064  3.831  1.00 0.00 ? 1  LYS A HG2  1 
ATOM 16  H HG3  . LYS A 1 1  ? 2.689  -7.140  3.428  1.00 0.00 ? 1  LYS A HG3  1 
ATOM 17  H HD2  . LYS A 1 1  ? 2.213  -8.739  1.529  1.00 0.00 ? 1  LYS A HD2  1 
ATOM 18  H HD3  . LYS A 1 1  ? 3.650  -9.705  2.003  1.00 0.00 ? 1  LYS A HD3  1 
ATOM 19  H HE2  . LYS A 1 1  ? 2.645  -10.085 4.273  1.00 0.00 ? 1  LYS A HE2  1 
ATOM 20  H HE3  . LYS A 1 1  ? 1.206  -9.148  3.783  1.00 0.00 ? 1  LYS A HE3  1 
ATOM 21  H HZ1  . LYS A 1 1  ? 0.754  -10.820 2.015  1.00 0.00 ? 1  LYS A HZ1  1 
ATOM 22  H HZ2  . LYS A 1 1  ? 2.151  -11.745 2.516  1.00 0.00 ? 1  LYS A HZ2  1 
ATOM 23  H HZ3  . LYS A 1 1  ? 0.797  -11.555 3.584  1.00 0.00 ? 1  LYS A HZ3  1 
ATOM 24  N N    . HIS A 1 2  ? 6.046  -9.276  -0.365 1.00 0.00 ? 2  HIS A N    1 
ATOM 25  C CA   . HIS A 1 2  ? 5.844  -9.991  -1.621 1.00 0.00 ? 2  HIS A CA   1 
ATOM 26  C C    . HIS A 1 2  ? 5.709  -8.953  -2.710 1.00 0.00 ? 2  HIS A C    1 
ATOM 27  O O    . HIS A 1 2  ? 5.195  -7.880  -2.442 1.00 0.00 ? 2  HIS A O    1 
ATOM 28  C CB   . HIS A 1 2  ? 4.635  -10.965 -1.670 1.00 0.00 ? 2  HIS A CB   1 
ATOM 29  C CG   . HIS A 1 2  ? 4.713  -12.081 -0.658 1.00 0.00 ? 2  HIS A CG   1 
ATOM 30  N ND1  . HIS A 1 2  ? 3.758  -12.975 -0.541 1.00 0.00 ? 2  HIS A ND1  1 
ATOM 31  C CD2  . HIS A 1 2  ? 5.698  -12.341 0.222  1.00 0.00 ? 2  HIS A CD2  1 
ATOM 32  C CE1  . HIS A 1 2  ? 4.069  -13.826 0.385  1.00 0.00 ? 2  HIS A CE1  1 
ATOM 33  N NE2  . HIS A 1 2  ? 5.187  -13.518 0.873  1.00 0.00 ? 2  HIS A NE2  1 
ATOM 34  H H    . HIS A 1 2  ? 6.958  -9.293  0.052  1.00 0.00 ? 2  HIS A H    1 
ATOM 35  H HA   . HIS A 1 2  ? 6.745  -10.595 -1.827 1.00 0.00 ? 2  HIS A HA   1 
ATOM 36  H HB2  . HIS A 1 2  ? 3.682  -10.436 -1.536 1.00 0.00 ? 2  HIS A HB2  1 
ATOM 37  H HB3  . HIS A 1 2  ? 4.600  -11.446 -2.660 1.00 0.00 ? 2  HIS A HB3  1 
ATOM 38  H HD1  . HIS A 1 2  ? 2.892  -13.000 -1.105 1.00 0.00 ? 2  HIS A HD1  1 
ATOM 39  H HD2  . HIS A 1 2  ? 6.640  -11.830 0.415  1.00 0.00 ? 2  HIS A HD2  1 
ATOM 40  H HE1  . HIS A 1 2  ? 3.466  -14.677 0.696  1.00 0.00 ? 2  HIS A HE1  1 
ATOM 41  N N    . VAL A 1 3  ? 6.161  -9.239  -3.949 1.00 0.00 ? 3  VAL A N    1 
ATOM 42  C CA   . VAL A 1 3  ? 5.959  -8.279  -5.030 1.00 0.00 ? 3  VAL A CA   1 
ATOM 43  C C    . VAL A 1 3  ? 5.488  -9.044  -6.240 1.00 0.00 ? 3  VAL A C    1 
ATOM 44  O O    . VAL A 1 3  ? 5.836  -8.673  -7.352 1.00 0.00 ? 3  VAL A O    1 
ATOM 45  C CB   . VAL A 1 3  ? 7.188  -7.340  -5.220 1.00 0.00 ? 3  VAL A CB   1 
ATOM 46  C CG1  . VAL A 1 3  ? 7.427  -6.469  -3.954 1.00 0.00 ? 3  VAL A CG1  1 
ATOM 47  C CG2  . VAL A 1 3  ? 8.476  -8.131  -5.575 1.00 0.00 ? 3  VAL A CG2  1 
ATOM 48  H H    . VAL A 1 3  ? 6.620  -10.106 -4.161 1.00 0.00 ? 3  VAL A H    1 
ATOM 49  H HA   . VAL A 1 3  ? 5.086  -7.635  -4.825 1.00 0.00 ? 3  VAL A HA   1 
ATOM 50  H HB   . VAL A 1 3  ? 6.968  -6.652  -6.052 1.00 0.00 ? 3  VAL A HB   1 
ATOM 51  H HG11 . VAL A 1 3  ? 6.511  -5.921  -3.683 1.00 0.00 ? 3  VAL A HG11 1 
ATOM 52  H HG12 . VAL A 1 3  ? 7.734  -7.095  -3.103 1.00 0.00 ? 3  VAL A HG12 1 
ATOM 53  H HG13 . VAL A 1 3  ? 8.216  -5.725  -4.129 1.00 0.00 ? 3  VAL A HG13 1 
ATOM 54  H HG21 . VAL A 1 3  ? 8.326  -8.706  -6.501 1.00 0.00 ? 3  VAL A HG21 1 
ATOM 55  H HG22 . VAL A 1 3  ? 9.317  -7.434  -5.729 1.00 0.00 ? 3  VAL A HG22 1 
ATOM 56  H HG23 . VAL A 1 3  ? 8.738  -8.835  -4.772 1.00 0.00 ? 3  VAL A HG23 1 
ATOM 57  N N    . VAL A 1 4  ? 4.676  -10.110 -6.019 1.00 0.00 ? 4  VAL A N    1 
ATOM 58  C CA   . VAL A 1 4  ? 4.098  -10.861 -7.124 1.00 0.00 ? 4  VAL A CA   1 
ATOM 59  C C    . VAL A 1 4  ? 2.775  -10.217 -7.531 1.00 0.00 ? 4  VAL A C    1 
ATOM 60  O O    . VAL A 1 4  ? 2.797  -9.626  -8.601 1.00 0.00 ? 4  VAL A O    1 
ATOM 61  C CB   . VAL A 1 4  ? 4.122  -12.409 -6.875 1.00 0.00 ? 4  VAL A CB   1 
ATOM 62  C CG1  . VAL A 1 4  ? 3.180  -13.138 -7.874 1.00 0.00 ? 4  VAL A CG1  1 
ATOM 63  C CG2  . VAL A 1 4  ? 5.564  -12.989 -7.006 1.00 0.00 ? 4  VAL A CG2  1 
ATOM 64  H H    . VAL A 1 4  ? 4.413  -10.392 -5.098 1.00 0.00 ? 4  VAL A H    1 
ATOM 65  H HA   . VAL A 1 4  ? 4.762  -10.759 -7.999 1.00 0.00 ? 4  VAL A HA   1 
ATOM 66  H HB   . VAL A 1 4  ? 3.816  -12.646 -5.843 1.00 0.00 ? 4  VAL A HB   1 
ATOM 67  H HG11 . VAL A 1 4  ? 3.464  -12.880 -8.906 1.00 0.00 ? 4  VAL A HG11 1 
ATOM 68  H HG12 . VAL A 1 4  ? 3.245  -14.230 -7.749 1.00 0.00 ? 4  VAL A HG12 1 
ATOM 69  H HG13 . VAL A 1 4  ? 2.133  -12.837 -7.722 1.00 0.00 ? 4  VAL A HG13 1 
ATOM 70  H HG21 . VAL A 1 4  ? 6.263  -12.445 -6.351 1.00 0.00 ? 4  VAL A HG21 1 
ATOM 71  H HG22 . VAL A 1 4  ? 5.578  -14.053 -6.715 1.00 0.00 ? 4  VAL A HG22 1 
ATOM 72  H HG23 . VAL A 1 4  ? 5.936  -12.916 -8.043 1.00 0.00 ? 4  VAL A HG23 1 
ATOM 73  N N    . PRO A 1 5  ? 1.612  -10.254 -6.817 1.00 0.00 ? 5  PRO A N    1 
ATOM 74  C CA   . PRO A 1 5  ? 0.366  -9.776  -7.417 1.00 0.00 ? 5  PRO A CA   1 
ATOM 75  C C    . PRO A 1 5  ? -0.015 -8.337  -7.119 1.00 0.00 ? 5  PRO A C    1 
ATOM 76  O O    . PRO A 1 5  ? -1.186 -8.023  -7.254 1.00 0.00 ? 5  PRO A O    1 
ATOM 77  C CB   . PRO A 1 5  ? -0.600 -10.741 -6.689 1.00 0.00 ? 5  PRO A CB   1 
ATOM 78  C CG   . PRO A 1 5  ? -0.023 -10.753 -5.255 1.00 0.00 ? 5  PRO A CG   1 
ATOM 79  C CD   . PRO A 1 5  ? 1.504  -10.839 -5.488 1.00 0.00 ? 5  PRO A CD   1 
ATOM 80  H HA   . PRO A 1 5  ? 0.312  -9.948  -8.504 1.00 0.00 ? 5  PRO A HA   1 
ATOM 81  H HB2  . PRO A 1 5  ? -1.663 -10.445 -6.733 1.00 0.00 ? 5  PRO A HB2  1 
ATOM 82  H HB3  . PRO A 1 5  ? -0.501 -11.754 -7.120 1.00 0.00 ? 5  PRO A HB3  1 
ATOM 83  H HG2  . PRO A 1 5  ? -0.242 -9.799  -4.759 1.00 0.00 ? 5  PRO A HG2  1 
ATOM 84  H HG3  . PRO A 1 5  ? -0.424 -11.573 -4.638 1.00 0.00 ? 5  PRO A HG3  1 
ATOM 85  H HD2  . PRO A 1 5  ? 2.067  -10.275 -4.730 1.00 0.00 ? 5  PRO A HD2  1 
ATOM 86  H HD3  . PRO A 1 5  ? 1.760  -11.904 -5.464 1.00 0.00 ? 5  PRO A HD3  1 
ATOM 87  N N    . ASN A 1 6  ? 0.915  -7.436  -6.735 1.00 0.00 ? 6  ASN A N    1 
ATOM 88  C CA   . ASN A 1 6  ? 0.573  -6.014  -6.598 1.00 0.00 ? 6  ASN A CA   1 
ATOM 89  C C    . ASN A 1 6  ? -0.711 -5.730  -5.837 1.00 0.00 ? 6  ASN A C    1 
ATOM 90  O O    . ASN A 1 6  ? -1.681 -5.327  -6.459 1.00 0.00 ? 6  ASN A O    1 
ATOM 91  C CB   . ASN A 1 6  ? 0.501  -5.406  -8.028 1.00 0.00 ? 6  ASN A CB   1 
ATOM 92  C CG   . ASN A 1 6  ? 0.173  -3.927  -7.998 1.00 0.00 ? 6  ASN A CG   1 
ATOM 93  O OD1  . ASN A 1 6  ? 0.786  -3.211  -7.223 1.00 0.00 ? 6  ASN A OD1  1 
ATOM 94  N ND2  . ASN A 1 6  ? -0.782 -3.432  -8.820 1.00 0.00 ? 6  ASN A ND2  1 
ATOM 95  H H    . ASN A 1 6  ? 1.873  -7.708  -6.630 1.00 0.00 ? 6  ASN A H    1 
ATOM 96  H HA   . ASN A 1 6  ? 1.374  -5.496  -6.042 1.00 0.00 ? 6  ASN A HA   1 
ATOM 97  H HB2  . ASN A 1 6  ? 1.479  -5.534  -8.518 1.00 0.00 ? 6  ASN A HB2  1 
ATOM 98  H HB3  . ASN A 1 6  ? -0.250 -5.964  -8.609 1.00 0.00 ? 6  ASN A HB3  1 
ATOM 99  H HD21 . ASN A 1 6  ? -1.282 -4.014  -9.463 1.00 0.00 ? 6  ASN A HD21 1 
ATOM 100 H HD22 . ASN A 1 6  ? -1.006 -2.456  -8.787 1.00 0.00 ? 6  ASN A HD22 1 
ATOM 101 N N    . GLU A 1 7  ? -0.727 -5.902  -4.491 1.00 0.00 ? 7  GLU A N    1 
ATOM 102 C CA   . GLU A 1 7  ? -1.858 -5.446  -3.667 1.00 0.00 ? 7  GLU A CA   1 
ATOM 103 C C    . GLU A 1 7  ? -1.385 -4.582  -2.504 1.00 0.00 ? 7  GLU A C    1 
ATOM 104 O O    . GLU A 1 7  ? -1.940 -3.505  -2.344 1.00 0.00 ? 7  GLU A O    1 
ATOM 105 C CB   . GLU A 1 7  ? -2.829 -6.577  -3.200 1.00 0.00 ? 7  GLU A CB   1 
ATOM 106 C CG   . GLU A 1 7  ? -2.193 -7.983  -3.092 1.00 0.00 ? 7  GLU A CG   1 
ATOM 107 C CD   . GLU A 1 7  ? -1.162 -8.099  -2.007 1.00 0.00 ? 7  GLU A CD   1 
ATOM 108 O OE1  . GLU A 1 7  ? 0.029  -7.797  -2.281 1.00 0.00 ? 7  GLU A OE1  1 
ATOM 109 O OE2  . GLU A 1 7  ? -1.540 -8.504  -0.875 1.00 0.00 ? 7  GLU A OE2  1 
ATOM 110 H H    . GLU A 1 7  ? 0.063  -6.319  -4.045 1.00 0.00 ? 7  GLU A H    1 
ATOM 111 H HA   . GLU A 1 7  ? -2.476 -4.745  -4.261 1.00 0.00 ? 7  GLU A HA   1 
ATOM 112 H HB2  . GLU A 1 7  ? -3.294 -6.310  -2.236 1.00 0.00 ? 7  GLU A HB2  1 
ATOM 113 H HB3  . GLU A 1 7  ? -3.644 -6.679  -3.938 1.00 0.00 ? 7  GLU A HB3  1 
ATOM 114 H HG2  . GLU A 1 7  ? -2.986 -8.715  -2.878 1.00 0.00 ? 7  GLU A HG2  1 
ATOM 115 H HG3  . GLU A 1 7  ? -1.765 -8.240  -4.067 1.00 0.00 ? 7  GLU A HG3  1 
ATOM 116 N N    . VAL A 1 8  ? -0.380 -4.969  -1.678 1.00 0.00 ? 8  VAL A N    1 
ATOM 117 C CA   . VAL A 1 8  ? 0.081  -4.090  -0.597 1.00 0.00 ? 8  VAL A CA   1 
ATOM 118 C C    . VAL A 1 8  ? 1.012  -3.076  -1.231 1.00 0.00 ? 8  VAL A C    1 
ATOM 119 O O    . VAL A 1 8  ? 2.212  -3.119  -1.010 1.00 0.00 ? 8  VAL A O    1 
ATOM 120 C CB   . VAL A 1 8  ? 0.692  -4.914  0.581  1.00 0.00 ? 8  VAL A CB   1 
ATOM 121 C CG1  . VAL A 1 8  ? 1.255  -4.013  1.719  1.00 0.00 ? 8  VAL A CG1  1 
ATOM 122 C CG2  . VAL A 1 8  ? -0.397 -5.851  1.177  1.00 0.00 ? 8  VAL A CG2  1 
ATOM 123 H H    . VAL A 1 8  ? 0.108  -5.828  -1.815 1.00 0.00 ? 8  VAL A H    1 
ATOM 124 H HA   . VAL A 1 8  ? -0.771 -3.542  -0.161 1.00 0.00 ? 8  VAL A HA   1 
ATOM 125 H HB   . VAL A 1 8  ? 1.513  -5.538  0.192  1.00 0.00 ? 8  VAL A HB   1 
ATOM 126 H HG11 . VAL A 1 8  ? 0.499  -3.276  2.027  1.00 0.00 ? 8  VAL A HG11 1 
ATOM 127 H HG12 . VAL A 1 8  ? 1.518  -4.626  2.595  1.00 0.00 ? 8  VAL A HG12 1 
ATOM 128 H HG13 . VAL A 1 8  ? 2.164  -3.478  1.412  1.00 0.00 ? 8  VAL A HG13 1 
ATOM 129 H HG21 . VAL A 1 8  ? -0.873 -6.454  0.393  1.00 0.00 ? 8  VAL A HG21 1 
ATOM 130 H HG22 . VAL A 1 8  ? 0.044  -6.539  1.914  1.00 0.00 ? 8  VAL A HG22 1 
ATOM 131 H HG23 . VAL A 1 8  ? -1.180 -5.255  1.673  1.00 0.00 ? 8  VAL A HG23 1 
ATOM 132 N N    . VAL A 1 9  ? 0.437  -2.158  -2.044 1.00 0.00 ? 9  VAL A N    1 
ATOM 133 C CA   . VAL A 1 9  ? 1.213  -1.109  -2.717 1.00 0.00 ? 9  VAL A CA   1 
ATOM 134 C C    . VAL A 1 9  ? 0.245  0.038   -2.944 1.00 0.00 ? 9  VAL A C    1 
ATOM 135 O O    . VAL A 1 9  ? 0.436  1.106   -2.387 1.00 0.00 ? 9  VAL A O    1 
ATOM 136 C CB   . VAL A 1 9  ? 1.892  -1.533  -4.065 1.00 0.00 ? 9  VAL A CB   1 
ATOM 137 C CG1  . VAL A 1 9  ? 3.194  -0.723  -4.310 1.00 0.00 ? 9  VAL A CG1  1 
ATOM 138 C CG2  . VAL A 1 9  ? 2.182  -3.055  -4.171 1.00 0.00 ? 9  VAL A CG2  1 
ATOM 139 H H    . VAL A 1 9  ? -0.552 -2.178  -2.174 1.00 0.00 ? 9  VAL A H    1 
ATOM 140 H HA   . VAL A 1 9  ? 1.991  -0.767  -2.010 1.00 0.00 ? 9  VAL A HA   1 
ATOM 141 H HB   . VAL A 1 9  ? 1.231  -1.299  -4.915 1.00 0.00 ? 9  VAL A HB   1 
ATOM 142 H HG11 . VAL A 1 9  ? 2.985  0.357   -4.267 1.00 0.00 ? 9  VAL A HG11 1 
ATOM 143 H HG12 . VAL A 1 9  ? 3.949  -0.971  -3.546 1.00 0.00 ? 9  VAL A HG12 1 
ATOM 144 H HG13 . VAL A 1 9  ? 3.608  -0.960  -5.303 1.00 0.00 ? 9  VAL A HG13 1 
ATOM 145 H HG21 . VAL A 1 9  ? 1.256  -3.634  -4.028 1.00 0.00 ? 9  VAL A HG21 1 
ATOM 146 H HG22 . VAL A 1 9  ? 2.574  -3.288  -5.173 1.00 0.00 ? 9  VAL A HG22 1 
ATOM 147 H HG23 . VAL A 1 9  ? 2.930  -3.366  -3.429 1.00 0.00 ? 9  VAL A HG23 1 
ATOM 148 N N    . VAL A 1 10 ? -0.832 -0.203  -3.729 1.00 0.00 ? 10 VAL A N    1 
ATOM 149 C CA   . VAL A 1 10 ? -1.954 0.800   -3.743 1.00 0.00 ? 10 VAL A CA   1 
ATOM 150 C C    . VAL A 1 10 ? -2.567 1.110   -2.340 1.00 0.00 ? 10 VAL A C    1 
ATOM 151 O O    . VAL A 1 10 ? -2.625 2.256   -1.920 1.00 0.00 ? 10 VAL A O    1 
ATOM 152 C CB   . VAL A 1 10 ? -3.027 0.351   -4.814 1.00 0.00 ? 10 VAL A CB   1 
ATOM 153 C CG1  . VAL A 1 10 ? -4.245 1.318   -4.923 1.00 0.00 ? 10 VAL A CG1  1 
ATOM 154 C CG2  . VAL A 1 10 ? -2.467 0.199   -6.263 1.00 0.00 ? 10 VAL A CG2  1 
ATOM 155 H H    . VAL A 1 10 ? -0.913 -1.105  -4.177 1.00 0.00 ? 10 VAL A H    1 
ATOM 156 H HA   . VAL A 1 10 ? -1.542 1.761   -4.105 1.00 0.00 ? 10 VAL A HA   1 
ATOM 157 H HB   . VAL A 1 10 ? -3.419 -0.634  -4.507 1.00 0.00 ? 10 VAL A HB   1 
ATOM 158 H HG11 . VAL A 1 10 ? -3.938 2.336   -5.215 1.00 0.00 ? 10 VAL A HG11 1 
ATOM 159 H HG12 . VAL A 1 10 ? -4.980 0.964   -5.667 1.00 0.00 ? 10 VAL A HG12 1 
ATOM 160 H HG13 . VAL A 1 10 ? -4.787 1.391   -3.972 1.00 0.00 ? 10 VAL A HG13 1 
ATOM 161 H HG21 . VAL A 1 10 ? -1.670 -0.554  -6.310 1.00 0.00 ? 10 VAL A HG21 1 
ATOM 162 H HG22 . VAL A 1 10 ? -3.250 -0.132  -6.969 1.00 0.00 ? 10 VAL A HG22 1 
ATOM 163 H HG23 . VAL A 1 10 ? -2.055 1.147   -6.647 1.00 0.00 ? 10 VAL A HG23 1 
ATOM 164 N N    . GLN A 1 11 ? -2.942 0.055   -1.579 1.00 0.00 ? 11 GLN A N    1 
ATOM 165 C CA   . GLN A 1 11 ? -3.432 0.248   -0.263 1.00 0.00 ? 11 GLN A CA   1 
ATOM 166 C C    . GLN A 1 11 ? -2.396 1.013   0.511  1.00 0.00 ? 11 GLN A C    1 
ATOM 167 O O    . GLN A 1 11 ? -2.818 2.084   1.001  1.00 0.00 ? 11 GLN A O    1 
ATOM 168 C CB   . GLN A 1 11 ? -3.645 -1.116  0.565  1.00 0.00 ? 11 GLN A CB   1 
ATOM 169 C CG   . GLN A 1 11 ? -5.004 -1.785  0.195  1.00 0.00 ? 11 GLN A CG   1 
ATOM 170 C CD   . GLN A 1 11 ? -4.791 -2.441  -1.154 1.00 0.00 ? 11 GLN A CD   1 
ATOM 171 O OE1  . GLN A 1 11 ? -4.920 -1.634  -2.077 1.00 0.00 ? 11 GLN A OE1  1 
ATOM 172 N NE2  . GLN A 1 11 ? -4.468 -3.727  -1.305 1.00 0.00 ? 11 GLN A NE2  1 
ATOM 173 H H    . GLN A 1 11 ? -2.831 -0.874  -1.966 1.00 0.00 ? 11 GLN A H    1 
ATOM 174 H HA   . GLN A 1 11 ? -4.358 0.762   -0.326 1.00 0.00 ? 11 GLN A HA   1 
ATOM 175 H HB2  . GLN A 1 11 ? -2.811 -1.769  0.598  1.00 0.00 ? 11 GLN A HB2  1 
ATOM 176 H HB3  . GLN A 1 11 ? -3.820 -0.855  1.663  1.00 0.00 ? 11 GLN A HB3  1 
ATOM 177 H HG2  . GLN A 1 11 ? -5.218 -2.624  0.900  1.00 0.00 ? 11 GLN A HG2  1 
ATOM 178 H HG3  . GLN A 1 11 ? -5.852 -1.045  0.219  1.00 0.00 ? 11 GLN A HG3  1 
ATOM 179 H HE21 . GLN A 1 11 ? -4.352 -4.370  -0.571 1.00 0.00 ? 11 GLN A HE21 1 
ATOM 180 H HE22 . GLN A 1 11 ? -4.340 -3.950  -2.274 1.00 0.00 ? 11 GLN A HE22 1 
ATOM 181 N N    . ARG A 1 12 ? -1.091 0.638   0.527  1.00 0.00 ? 12 ARG A N    1 
ATOM 182 C CA   . ARG A 1 12 ? -0.112 1.239   1.454  1.00 0.00 ? 12 ARG A CA   1 
ATOM 183 C C    . ARG A 1 12 ? -0.038 2.660   1.254  1.00 0.00 ? 12 ARG A C    1 
ATOM 184 O O    . ARG A 1 12 ? -0.048 3.456   2.147  1.00 0.00 ? 12 ARG A O    1 
ATOM 185 C CB   . ARG A 1 12 ? 1.248  0.404   1.455  1.00 0.00 ? 12 ARG A CB   1 
ATOM 186 C CG   . ARG A 1 12 ? 2.197  0.594   2.685  1.00 0.00 ? 12 ARG A CG   1 
ATOM 187 C CD   . ARG A 1 12 ? 3.434  -0.351  2.768  1.00 0.00 ? 12 ARG A CD   1 
ATOM 188 N NE   . ARG A 1 12 ? 4.133  -0.169  4.083  1.00 0.00 ? 12 ARG A NE   1 
ATOM 189 C CZ   . ARG A 1 12 ? 5.294  -0.749  4.298  1.00 0.00 ? 12 ARG A CZ   1 
ATOM 190 N NH1  . ARG A 1 12 ? 5.931  -1.723  3.640  1.00 0.00 ? 12 ARG A NH1  1 
ATOM 191 N NH2  . ARG A 1 12 ? 6.006  -0.353  5.367  1.00 0.00 ? 12 ARG A NH2  1 
ATOM 192 H H    . ARG A 1 12 ? -0.733 -0.123  -0.069 1.00 0.00 ? 12 ARG A H    1 
ATOM 193 H HA   . ARG A 1 12 ? -0.644 1.279   2.393  1.00 0.00 ? 12 ARG A HA   1 
ATOM 194 H HB2  . ARG A 1 12 ? 0.989  -0.704  1.517  1.00 0.00 ? 12 ARG A HB2  1 
ATOM 195 H HB3  . ARG A 1 12 ? 1.768  0.558   0.529  1.00 0.00 ? 12 ARG A HB3  1 
ATOM 196 H HG2  . ARG A 1 12 ? 2.485  1.680   2.878  1.00 0.00 ? 12 ARG A HG2  1 
ATOM 197 H HG3  . ARG A 1 12 ? 1.452  0.394   3.498  1.00 0.00 ? 12 ARG A HG3  1 
ATOM 198 H HD2  . ARG A 1 12 ? 3.260  -1.338  2.457  1.00 0.00 ? 12 ARG A HD2  1 
ATOM 199 H HD3  . ARG A 1 12 ? 4.107  0.211   2.187  1.00 0.00 ? 12 ARG A HD3  1 
ATOM 200 H HE   . ARG A 1 12 ? 3.717  0.571   4.824  1.00 0.00 ? 12 ARG A HE   1 
ATOM 201 H HH11 . ARG A 1 12 ? 5.516  -2.213  2.889  1.00 0.00 ? 12 ARG A HH11 1 
ATOM 202 H HH12 . ARG A 1 12 ? 6.867  -1.987  3.985  1.00 0.00 ? 12 ARG A HH12 1 
ATOM 203 H HH21 . ARG A 1 12 ? 5.776  0.539   5.831  1.00 0.00 ? 12 ARG A HH21 1 
ATOM 204 H HH22 . ARG A 1 12 ? 6.904  -0.846  5.724  1.00 0.00 ? 12 ARG A HH22 1 
ATOM 205 N N    . LEU A 1 13 ? 0.020  3.035   -0.069 1.00 0.00 ? 13 LEU A N    1 
ATOM 206 C CA   . LEU A 1 13 ? -0.088 4.492   -0.396 1.00 0.00 ? 13 LEU A CA   1 
ATOM 207 C C    . LEU A 1 13 ? -1.341 5.226   0.172  1.00 0.00 ? 13 LEU A C    1 
ATOM 208 O O    . LEU A 1 13 ? -1.219 6.308   0.728  1.00 0.00 ? 13 LEU A O    1 
ATOM 209 C CB   . LEU A 1 13 ? 0.019  4.649   -1.952 1.00 0.00 ? 13 LEU A CB   1 
ATOM 210 C CG   . LEU A 1 13 ? 1.409  4.349   -2.589 1.00 0.00 ? 13 LEU A CG   1 
ATOM 211 C CD1  . LEU A 1 13 ? 1.263  4.241   -4.130 1.00 0.00 ? 13 LEU A CD1  1 
ATOM 212 C CD2  . LEU A 1 13 ? 2.453  5.450   -2.266 1.00 0.00 ? 13 LEU A CD2  1 
ATOM 213 H H    . LEU A 1 13 ? -0.107 2.318   -0.769 1.00 0.00 ? 13 LEU A H    1 
ATOM 214 H HA   . LEU A 1 13 ? 0.774  5.015   0.052  1.00 0.00 ? 13 LEU A HA   1 
ATOM 215 H HB2  . LEU A 1 13 ? -0.737 3.997   -2.417 1.00 0.00 ? 13 LEU A HB2  1 
ATOM 216 H HB3  . LEU A 1 13 ? -0.275 5.669   -2.238 1.00 0.00 ? 13 LEU A HB3  1 
ATOM 217 H HG   . LEU A 1 13 ? 1.787  3.381   -2.221 1.00 0.00 ? 13 LEU A HG   1 
ATOM 218 H HD11 . LEU A 1 13 ? 0.875  5.171   -4.573 1.00 0.00 ? 13 LEU A HD11 1 
ATOM 219 H HD12 . LEU A 1 13 ? 2.231  4.021   -4.608 1.00 0.00 ? 13 LEU A HD12 1 
ATOM 220 H HD13 . LEU A 1 13 ? 0.574  3.427   -4.402 1.00 0.00 ? 13 LEU A HD13 1 
ATOM 221 H HD21 . LEU A 1 13 ? 2.113  6.443   -2.603 1.00 0.00 ? 13 LEU A HD21 1 
ATOM 222 H HD22 . LEU A 1 13 ? 2.654  5.512   -1.189 1.00 0.00 ? 13 LEU A HD22 1 
ATOM 223 H HD23 . LEU A 1 13 ? 3.413  5.246   -2.766 1.00 0.00 ? 13 LEU A HD23 1 
ATOM 224 N N    . PHE A 1 14 ? -2.559 4.621   0.077  1.00 0.00 ? 14 PHE A N    1 
ATOM 225 C CA   . PHE A 1 14 ? -3.765 5.110   0.823  1.00 0.00 ? 14 PHE A CA   1 
ATOM 226 C C    . PHE A 1 14 ? -3.626 5.198   2.377  1.00 0.00 ? 14 PHE A C    1 
ATOM 227 O O    . PHE A 1 14 ? -3.932 6.223   2.972  1.00 0.00 ? 14 PHE A O    1 
ATOM 228 C CB   . PHE A 1 14 ? -4.952 4.210   0.328  1.00 0.00 ? 14 PHE A CB   1 
ATOM 229 C CG   . PHE A 1 14 ? -6.343 4.734   0.726  1.00 0.00 ? 14 PHE A CG   1 
ATOM 230 C CD1  . PHE A 1 14 ? -7.012 5.649   -0.093 1.00 0.00 ? 14 PHE A CD1  1 
ATOM 231 C CD2  . PHE A 1 14 ? -6.957 4.287   1.900  1.00 0.00 ? 14 PHE A CD2  1 
ATOM 232 C CE1  . PHE A 1 14 ? -8.271 6.131   0.270  1.00 0.00 ? 14 PHE A CE1  1 
ATOM 233 C CE2  . PHE A 1 14 ? -8.217 4.767   2.263  1.00 0.00 ? 14 PHE A CE2  1 
ATOM 234 C CZ   . PHE A 1 14 ? -8.870 5.693   1.452  1.00 0.00 ? 14 PHE A CZ   1 
ATOM 235 H H    . PHE A 1 14 ? -2.545 3.751   -0.441 1.00 0.00 ? 14 PHE A H    1 
ATOM 236 H HA   . PHE A 1 14 ? -3.974 6.139   0.473  1.00 0.00 ? 14 PHE A HA   1 
ATOM 237 H HB2  . PHE A 1 14 ? -4.924 4.101   -0.770 1.00 0.00 ? 14 PHE A HB2  1 
ATOM 238 H HB3  . PHE A 1 14 ? -4.819 3.186   0.703  1.00 0.00 ? 14 PHE A HB3  1 
ATOM 239 H HD1  . PHE A 1 14 ? -6.567 5.982   -1.022 1.00 0.00 ? 14 PHE A HD1  1 
ATOM 240 H HD2  . PHE A 1 14 ? -6.463 3.565   2.537  1.00 0.00 ? 14 PHE A HD2  1 
ATOM 241 H HE1  . PHE A 1 14 ? -8.792 6.828   -0.371 1.00 0.00 ? 14 PHE A HE1  1 
ATOM 242 H HE2  . PHE A 1 14 ? -8.693 4.413   3.167  1.00 0.00 ? 14 PHE A HE2  1 
ATOM 243 H HZ   . PHE A 1 14 ? -9.849 6.058   1.728  1.00 0.00 ? 14 PHE A HZ   1 
ATOM 244 N N    . GLN A 1 15 ? -3.033 4.184   3.008  1.00 0.00 ? 15 GLN A N    1 
ATOM 245 C CA   . GLN A 1 15 ? -2.772 4.244   4.455  1.00 0.00 ? 15 GLN A CA   1 
ATOM 246 C C    . GLN A 1 15 ? -1.819 5.376   4.871  1.00 0.00 ? 15 GLN A C    1 
ATOM 247 O O    . GLN A 1 15 ? -2.176 6.157   5.748  1.00 0.00 ? 15 GLN A O    1 
ATOM 248 C CB   . GLN A 1 15 ? -2.195 2.885   4.921  1.00 0.00 ? 15 GLN A CB   1 
ATOM 249 C CG   . GLN A 1 15 ? -3.256 1.764   4.763  1.00 0.00 ? 15 GLN A CG   1 
ATOM 250 C CD   . GLN A 1 15 ? -2.708 0.399   5.097  1.00 0.00 ? 15 GLN A CD   1 
ATOM 251 O OE1  . GLN A 1 15 ? -1.560 0.304   5.505  1.00 0.00 ? 15 GLN A OE1  1 
ATOM 252 N NE2  . GLN A 1 15 ? -3.498 -0.671  4.892  1.00 0.00 ? 15 GLN A NE2  1 
ATOM 253 H H    . GLN A 1 15 ? -2.696 3.417   2.452  1.00 0.00 ? 15 GLN A H    1 
ATOM 254 H HA   . GLN A 1 15 ? -3.732 4.394   4.975  1.00 0.00 ? 15 GLN A HA   1 
ATOM 255 H HB2  . GLN A 1 15 ? -1.293 2.645   4.352  1.00 0.00 ? 15 GLN A HB2  1 
ATOM 256 H HB3  . GLN A 1 15 ? -1.930 2.963   5.978  1.00 0.00 ? 15 GLN A HB3  1 
ATOM 257 H HG2  . GLN A 1 15 ? -4.109 1.951   5.453  1.00 0.00 ? 15 GLN A HG2  1 
ATOM 258 H HG3  . GLN A 1 15 ? -3.679 1.728   3.726  1.00 0.00 ? 15 GLN A HG3  1 
ATOM 259 H HE21 . GLN A 1 15 ? -4.434 -0.548  4.561  1.00 0.00 ? 15 GLN A HE21 1 
ATOM 260 H HE22 . GLN A 1 15 ? -3.144 -1.589  5.093  1.00 0.00 ? 15 GLN A HE22 1 
ATOM 261 N N    . VAL A 1 16 ? -0.624 5.463   4.254  1.00 0.00 ? 16 VAL A N    1 
ATOM 262 C CA   . VAL A 1 16 ? 0.275  6.642   4.512  1.00 0.00 ? 16 VAL A CA   1 
ATOM 263 C C    . VAL A 1 16 ? -0.399 8.022   4.244  1.00 0.00 ? 16 VAL A C    1 
ATOM 264 O O    . VAL A 1 16 ? -0.382 8.900   5.095  1.00 0.00 ? 16 VAL A O    1 
ATOM 265 C CB   . VAL A 1 16 ? 1.651  6.443   3.759  1.00 0.00 ? 16 VAL A CB   1 
ATOM 266 C CG1  . VAL A 1 16 ? 2.636  7.645   3.896  1.00 0.00 ? 16 VAL A CG1  1 
ATOM 267 C CG2  . VAL A 1 16 ? 2.439  5.187   4.239  1.00 0.00 ? 16 VAL A CG2  1 
ATOM 268 H H    . VAL A 1 16 ? -0.479 4.814   3.491  1.00 0.00 ? 16 VAL A H    1 
ATOM 269 H HA   . VAL A 1 16 ? 0.521  6.651   5.591  1.00 0.00 ? 16 VAL A HA   1 
ATOM 270 H HB   . VAL A 1 16 ? 1.431  6.312   2.685  1.00 0.00 ? 16 VAL A HB   1 
ATOM 271 H HG11 . VAL A 1 16 ? 2.886  7.858   4.948  1.00 0.00 ? 16 VAL A HG11 1 
ATOM 272 H HG12 . VAL A 1 16 ? 3.585  7.463   3.361  1.00 0.00 ? 16 VAL A HG12 1 
ATOM 273 H HG13 . VAL A 1 16 ? 2.214  8.564   3.468  1.00 0.00 ? 16 VAL A HG13 1 
ATOM 274 H HG21 . VAL A 1 16 ? 1.854  4.269   4.092  1.00 0.00 ? 16 VAL A HG21 1 
ATOM 275 H HG22 . VAL A 1 16 ? 3.380  5.056   3.675  1.00 0.00 ? 16 VAL A HG22 1 
ATOM 276 H HG23 . VAL A 1 16 ? 2.695  5.251   5.310  1.00 0.00 ? 16 VAL A HG23 1 
ATOM 277 N N    . LYS A 1 17 ? -1.031 8.233   3.056  1.00 0.00 ? 17 LYS A N    1 
ATOM 278 C CA   . LYS A 1 17 ? -1.710 9.530   2.725  1.00 0.00 ? 17 LYS A CA   1 
ATOM 279 C C    . LYS A 1 17 ? -2.958 9.973   3.559  1.00 0.00 ? 17 LYS A C    1 
ATOM 280 O O    . LYS A 1 17 ? -3.367 11.121  3.491  1.00 0.00 ? 17 LYS A O    1 
ATOM 281 C CB   . LYS A 1 17 ? -2.010 9.445   1.190  1.00 0.00 ? 17 LYS A CB   1 
ATOM 282 C CG   . LYS A 1 17 ? -2.261 10.822  0.500  1.00 0.00 ? 17 LYS A CG   1 
ATOM 283 C CD   . LYS A 1 17 ? -3.508 10.844  -0.435 1.00 0.00 ? 17 LYS A CD   1 
ATOM 284 C CE   . LYS A 1 17 ? -4.892 10.611  0.238  1.00 0.00 ? 17 LYS A CE   1 
ATOM 285 N NZ   . LYS A 1 17 ? -5.168 11.637  1.248  1.00 0.00 ? 17 LYS A NZ   1 
ATOM 286 H H    . LYS A 1 17 ? -1.002 7.443   2.423  1.00 0.00 ? 17 LYS A H    1 
ATOM 287 H HA   . LYS A 1 17 ? -0.956 10.329  2.866  1.00 0.00 ? 17 LYS A HA   1 
ATOM 288 H HB2  . LYS A 1 17 ? -1.163 8.978   0.656  1.00 0.00 ? 17 LYS A HB2  1 
ATOM 289 H HB3  . LYS A 1 17 ? -2.836 8.736   1.038  1.00 0.00 ? 17 LYS A HB3  1 
ATOM 290 H HG2  . LYS A 1 17 ? -2.308 11.644  1.225  1.00 0.00 ? 17 LYS A HG2  1 
ATOM 291 H HG3  . LYS A 1 17 ? -1.371 11.069  -0.109 1.00 0.00 ? 17 LYS A HG3  1 
ATOM 292 H HD2  . LYS A 1 17 ? -3.521 11.801  -0.980 1.00 0.00 ? 17 LYS A HD2  1 
ATOM 293 H HD3  . LYS A 1 17 ? -3.371 10.079  -1.210 1.00 0.00 ? 17 LYS A HD3  1 
ATOM 294 H HE2  . LYS A 1 17 ? -5.675 10.617  -0.544 1.00 0.00 ? 17 LYS A HE2  1 
ATOM 295 H HE3  . LYS A 1 17 ? -4.936 9.606   0.688  1.00 0.00 ? 17 LYS A HE3  1 
ATOM 296 H HZ1  . LYS A 1 17 ? -5.061 12.618  0.885  1.00 0.00 ? 17 LYS A HZ1  1 
ATOM 297 H HZ2  . LYS A 1 17 ? -6.130 11.578  1.671  1.00 0.00 ? 17 LYS A HZ2  1 
ATOM 298 H HZ3  . LYS A 1 17 ? -4.501 11.574  2.060  1.00 0.00 ? 17 LYS A HZ3  1 
ATOM 299 N N    . GLY A 1 18 ? -3.581 9.074   4.377  1.00 0.00 ? 18 GLY A N    1 
ATOM 300 C CA   . GLY A 1 18 ? -4.783 9.431   5.205  1.00 0.00 ? 18 GLY A CA   1 
ATOM 301 C C    . GLY A 1 18 ? -4.637 9.396   6.749  1.00 0.00 ? 18 GLY A C    1 
ATOM 302 O O    . GLY A 1 18 ? -5.633 9.298   7.447  1.00 0.00 ? 18 GLY A O    1 
ATOM 303 H H    . GLY A 1 18 ? -3.032 8.246   4.543  1.00 0.00 ? 18 GLY A H    1 
ATOM 304 H HA2  . GLY A 1 18 ? -5.177 10.435  4.957  1.00 0.00 ? 18 GLY A HA2  1 
ATOM 305 H HA3  . GLY A 1 18 ? -5.601 8.742   4.944  1.00 0.00 ? 18 GLY A HA3  1 
ATOM 306 N N    . ARG A 1 19 ? -3.388 9.487   7.295  1.00 0.00 ? 19 ARG A N    1 
ATOM 307 C CA   . ARG A 1 19 ? -3.133 9.497   8.766  1.00 0.00 ? 19 ARG A CA   1 
ATOM 308 C C    . ARG A 1 19 ? -1.697 10.018  9.060  1.00 0.00 ? 19 ARG A C    1 
ATOM 309 O O    . ARG A 1 19 ? -0.708 9.406   8.697  1.00 0.00 ? 19 ARG A O    1 
ATOM 310 C CB   . ARG A 1 19 ? -3.391 8.070   9.365  1.00 0.00 ? 19 ARG A CB   1 
ATOM 311 C CG   . ARG A 1 19 ? -3.796 8.006   10.875 1.00 0.00 ? 19 ARG A CG   1 
ATOM 312 C CD   . ARG A 1 19 ? -5.021 8.854   11.350 1.00 0.00 ? 19 ARG A CD   1 
ATOM 313 N NE   . ARG A 1 19 ? -6.165 8.814   10.393 1.00 0.00 ? 19 ARG A NE   1 
ATOM 314 C CZ   . ARG A 1 19 ? -7.421 9.052   10.682 1.00 0.00 ? 19 ARG A CZ   1 
ATOM 315 N NH1  . ARG A 1 19 ? -7.868 9.266   11.865 1.00 0.00 ? 19 ARG A NH1  1 
ATOM 316 N NH2  . ARG A 1 19 ? -8.262 9.090   9.702  1.00 0.00 ? 19 ARG A NH2  1 
ATOM 317 H H    . ARG A 1 19 ? -2.635 9.464   6.629  1.00 0.00 ? 19 ARG A H    1 
ATOM 318 H HA   . ARG A 1 19 ? -3.869 10.194  9.218  1.00 0.00 ? 19 ARG A HA   1 
ATOM 319 H HB2  . ARG A 1 19 ? -4.175 7.551   8.796  1.00 0.00 ? 19 ARG A HB2  1 
ATOM 320 H HB3  . ARG A 1 19 ? -2.501 7.440   9.200  1.00 0.00 ? 19 ARG A HB3  1 
ATOM 321 H HG2  . ARG A 1 19 ? -4.003 6.950   11.113 1.00 0.00 ? 19 ARG A HG2  1 
ATOM 322 H HG3  . ARG A 1 19 ? -2.923 8.267   11.489 1.00 0.00 ? 19 ARG A HG3  1 
ATOM 323 H HD2  . ARG A 1 19 ? -5.285 8.493   12.361 1.00 0.00 ? 19 ARG A HD2  1 
ATOM 324 H HD3  . ARG A 1 19 ? -4.694 9.906   11.490 1.00 0.00 ? 19 ARG A HD3  1 
ATOM 325 H HE   . ARG A 1 19 ? -5.965 8.697   9.391  1.00 0.00 ? 19 ARG A HE   1 
ATOM 326 H HH11 . ARG A 1 19 ? -7.195 9.224   12.627 1.00 0.00 ? 19 ARG A HH11 1 
ATOM 327 H HH12 . ARG A 1 19 ? -8.882 9.447   12.021 1.00 0.00 ? 19 ARG A HH12 1 
ATOM 328 H HH21 . ARG A 1 19 ? -7.896 8.945   8.750  1.00 0.00 ? 19 ARG A HH21 1 
ATOM 329 H HH22 . ARG A 1 19 ? -9.257 9.284   9.895  1.00 0.00 ? 19 ARG A HH22 1 
ATOM 330 N N    . ARG A 1 20 ? -1.580 11.215  9.699  1.00 0.00 ? 20 ARG A N    1 
ATOM 331 C CA   . ARG A 1 20 ? -0.286 11.935  9.916  1.00 0.00 ? 20 ARG A CA   1 
ATOM 332 C C    . ARG A 1 20 ? 0.471  12.430  8.662  1.00 0.00 ? 20 ARG A C    1 
ATOM 333 O O    . ARG A 1 20 ? 0.860  13.599  8.538  1.00 0.00 ? 20 ARG A O    1 
ATOM 334 C CB   . ARG A 1 20 ? 0.631  11.342  11.050 1.00 0.00 ? 20 ARG A CB   1 
ATOM 335 C CG   . ARG A 1 20 ? 1.681  10.267  10.632 1.00 0.00 ? 20 ARG A CG   1 
ATOM 336 C CD   . ARG A 1 20 ? 2.638  9.867   11.806 1.00 0.00 ? 20 ARG A CD   1 
ATOM 337 N NE   . ARG A 1 20 ? 3.643  8.929   11.283 1.00 0.00 ? 20 ARG A NE   1 
ATOM 338 C CZ   . ARG A 1 20 ? 4.586  8.244   11.905 1.00 0.00 ? 20 ARG A CZ   1 
ATOM 339 N NH1  . ARG A 1 20 ? 4.787  8.286   13.158 1.00 0.00 ? 20 ARG A NH1  1 
ATOM 340 N NH2  . ARG A 1 20 ? 5.340  7.497   11.187 1.00 0.00 ? 20 ARG A NH2  1 
ATOM 341 O OXT  . ARG A 1 20 ? 0.692  11.485  7.723  1.00 0.00 ? 20 ARG A OXT  1 
ATOM 342 H H    . ARG A 1 20 ? -2.462 11.682  9.852  1.00 0.00 ? 20 ARG A H    1 
ATOM 343 H HA   . ARG A 1 20 ? -0.627 12.886  10.370 1.00 0.00 ? 20 ARG A HA   1 
ATOM 344 H HB2  . ARG A 1 20 ? 1.182  12.187  11.495 1.00 0.00 ? 20 ARG A HB2  1 
ATOM 345 H HB3  . ARG A 1 20 ? 0.004  10.951  11.866 1.00 0.00 ? 20 ARG A HB3  1 
ATOM 346 H HG2  . ARG A 1 20 ? 1.176  9.363   10.260 1.00 0.00 ? 20 ARG A HG2  1 
ATOM 347 H HG3  . ARG A 1 20 ? 2.288  10.652  9.799  1.00 0.00 ? 20 ARG A HG3  1 
ATOM 348 H HD2  . ARG A 1 20 ? 3.121  10.772  12.217 1.00 0.00 ? 20 ARG A HD2  1 
ATOM 349 H HD3  . ARG A 1 20 ? 2.050  9.416   12.622 1.00 0.00 ? 20 ARG A HD3  1 
ATOM 350 H HH11 . ARG A 1 20 ? 4.195  8.896   13.742 1.00 0.00 ? 20 ARG A HH11 1 
ATOM 351 H HH12 . ARG A 1 20 ? 5.560  7.711   13.549 1.00 0.00 ? 20 ARG A HH12 1 
ATOM 352 H HH21 . ARG A 1 20 ? 5.186  7.480   10.167 1.00 0.00 ? 20 ARG A HH21 1 
ATOM 353 H HH22 . ARG A 1 20 ? 6.089  6.960   11.666 1.00 0.00 ? 20 ARG A HH22 1 
# 
